data_5WRV
#
_entry.id   5WRV
#
_cell.length_a   120.598
_cell.length_b   120.598
_cell.length_c   80.001
_cell.angle_alpha   90.00
_cell.angle_beta   90.00
_cell.angle_gamma   120.00
#
_symmetry.space_group_name_H-M   'P 63 2 2'
#
loop_
_entity.id
_entity.type
_entity.pdbx_description
1 polymer 'Signal recognition particle subunit SRP68'
2 polymer 'Signal recognition particle subunit SRP72'
3 non-polymer 'ACETATE ION'
4 non-polymer GLYCEROL
5 non-polymer 'SULFATE ION'
6 non-polymer 'SODIUM ION'
7 water water
#
loop_
_entity_poly.entity_id
_entity_poly.type
_entity_poly.pdbx_seq_one_letter_code
_entity_poly.pdbx_strand_id
1 'polypeptide(L)'
;DLPDVQELITQVRSEKCSLQAAAILDANDAHQTETSSSQVKDNKPLVERFETFCLDPSLVTKQANLVHFPPGFQPIPCKP
LFFDLALNHVAFPPLEDKLAAATKSG
;
A
2 'polypeptide(L)'
;MASGGSGGVSVPALWSEVNRYGQNGDFTRALKTVNKILQINKDDVTALHCKVVCLIQNGSFKEALNVINTHTKVLANNSL
SFEKAYCEYRLNRIENALKTIESANQQTDKLKELYGQVLYRLERYDECLAVYRDLVRNSQDDYDEERKTNLSAVVAAQSN
WEK
;
B
#
loop_
_chem_comp.id
_chem_comp.type
_chem_comp.name
_chem_comp.formula
ACT non-polymer 'ACETATE ION' 'C2 H3 O2 -1'
GOL non-polymer GLYCEROL 'C3 H8 O3'
NA non-polymer 'SODIUM ION' 'Na 1'
SO4 non-polymer 'SULFATE ION' 'O4 S -2'
#
# COMPACT_ATOMS: atom_id res chain seq x y z
N PRO A 80 5.60 -6.10 -22.77
CA PRO A 80 4.36 -6.85 -22.85
C PRO A 80 3.74 -7.10 -21.47
N LEU A 81 4.56 -7.48 -20.50
CA LEU A 81 4.11 -7.63 -19.11
C LEU A 81 4.09 -6.30 -18.40
N PHE A 82 3.14 -6.12 -17.49
CA PHE A 82 3.14 -4.96 -16.60
C PHE A 82 2.99 -5.47 -15.18
N PHE A 83 3.95 -5.11 -14.32
CA PHE A 83 3.99 -5.63 -12.95
C PHE A 83 3.33 -4.69 -11.94
N ASP A 84 2.52 -5.25 -11.05
CA ASP A 84 2.01 -4.51 -9.90
C ASP A 84 3.08 -4.47 -8.82
N LEU A 85 4.02 -3.54 -8.97
CA LEU A 85 5.10 -3.37 -7.97
C LEU A 85 4.60 -2.69 -6.69
N ALA A 86 3.50 -1.95 -6.79
CA ALA A 86 2.91 -1.34 -5.59
C ALA A 86 2.58 -2.39 -4.52
N LEU A 87 2.14 -3.56 -4.94
CA LEU A 87 1.82 -4.66 -4.00
C LEU A 87 2.99 -5.03 -3.11
N ASN A 88 4.20 -4.94 -3.67
CA ASN A 88 5.43 -5.23 -2.92
C ASN A 88 5.69 -4.24 -1.78
N HIS A 89 5.07 -3.06 -1.84
CA HIS A 89 5.22 -2.02 -0.82
C HIS A 89 4.16 -2.04 0.26
N VAL A 90 3.21 -2.98 0.16
CA VAL A 90 2.13 -3.11 1.14
C VAL A 90 2.71 -3.86 2.35
N ALA A 91 3.10 -3.09 3.37
CA ALA A 91 3.87 -3.61 4.50
C ALA A 91 3.53 -2.87 5.78
N PHE A 92 3.68 -3.55 6.92
CA PHE A 92 3.47 -2.92 8.21
C PHE A 92 4.39 -1.71 8.38
N PRO A 93 3.90 -0.68 9.10
CA PRO A 93 4.75 0.45 9.51
C PRO A 93 5.76 -0.04 10.55
N PRO A 94 6.78 0.79 10.89
CA PRO A 94 7.73 0.38 11.94
C PRO A 94 7.02 0.04 13.25
N LEU A 95 7.43 -1.06 13.89
CA LEU A 95 6.72 -1.54 15.08
C LEU A 95 7.49 -1.41 16.40
N GLU A 96 8.71 -0.89 16.36
CA GLU A 96 9.56 -0.91 17.56
C GLU A 96 8.95 -0.15 18.75
N ASP A 97 8.23 0.93 18.47
CA ASP A 97 7.57 1.71 19.53
C ASP A 97 6.49 0.90 20.22
N LYS A 98 5.76 0.11 19.43
CA LYS A 98 4.70 -0.75 19.96
C LYS A 98 5.29 -1.94 20.71
N LEU A 99 6.39 -2.49 20.20
CA LEU A 99 7.08 -3.59 20.88
C LEU A 99 7.61 -3.14 22.26
N ALA A 100 8.02 -1.88 22.34
CA ALA A 100 8.62 -1.32 23.55
C ALA A 100 7.57 -0.79 24.54
N ALA A 101 6.31 -0.73 24.10
CA ALA A 101 5.20 -0.12 24.84
C ALA A 101 5.46 1.36 25.13
N ALA A 102 5.97 2.05 24.11
CA ALA A 102 6.33 3.47 24.22
C ALA A 102 5.10 4.37 24.22
N VAL B 9 -0.42 -12.29 25.59
CA VAL B 9 -1.29 -11.95 26.76
C VAL B 9 -1.33 -10.44 27.01
N SER B 10 -0.18 -9.85 27.32
CA SER B 10 -0.06 -8.39 27.40
C SER B 10 -0.06 -7.81 25.98
N VAL B 11 -0.37 -6.52 25.88
CA VAL B 11 -0.40 -5.83 24.57
C VAL B 11 0.97 -5.84 23.87
N PRO B 12 2.07 -5.50 24.59
CA PRO B 12 3.40 -5.58 23.94
C PRO B 12 3.77 -6.99 23.46
N ALA B 13 3.33 -8.01 24.18
CA ALA B 13 3.53 -9.39 23.77
C ALA B 13 2.71 -9.72 22.52
N LEU B 14 1.50 -9.17 22.43
CA LEU B 14 0.70 -9.32 21.21
C LEU B 14 1.41 -8.68 20.03
N TRP B 15 1.97 -7.49 20.25
CA TRP B 15 2.73 -6.80 19.19
C TRP B 15 3.94 -7.59 18.75
N SER B 16 4.57 -8.29 19.68
CA SER B 16 5.68 -9.19 19.35
C SER B 16 5.23 -10.26 18.35
N GLU B 17 4.03 -10.80 18.57
CA GLU B 17 3.46 -11.80 17.68
C GLU B 17 3.08 -11.19 16.33
N VAL B 18 2.49 -9.99 16.35
CA VAL B 18 2.18 -9.27 15.09
C VAL B 18 3.44 -9.16 14.24
N ASN B 19 4.52 -8.69 14.85
CA ASN B 19 5.79 -8.54 14.13
C ASN B 19 6.30 -9.87 13.58
N ARG B 20 6.29 -10.91 14.42
CA ARG B 20 6.80 -12.22 13.99
CA ARG B 20 6.79 -12.24 14.02
C ARG B 20 6.01 -12.76 12.81
N TYR B 21 4.68 -12.71 12.91
CA TYR B 21 3.84 -13.23 11.84
C TYR B 21 4.01 -12.42 10.56
N GLY B 22 4.02 -11.09 10.67
CA GLY B 22 4.20 -10.23 9.50
C GLY B 22 5.53 -10.49 8.80
N GLN B 23 6.59 -10.64 9.59
CA GLN B 23 7.94 -10.86 9.04
C GLN B 23 8.03 -12.20 8.30
N ASN B 24 7.21 -13.15 8.73
CA ASN B 24 7.15 -14.47 8.11
CA ASN B 24 7.16 -14.47 8.10
C ASN B 24 6.09 -14.58 7.01
N GLY B 25 5.40 -13.48 6.74
CA GLY B 25 4.34 -13.47 5.72
C GLY B 25 3.04 -14.15 6.12
N ASP B 26 2.87 -14.40 7.41
CA ASP B 26 1.63 -15.03 7.90
C ASP B 26 0.64 -13.93 8.27
N PHE B 27 0.05 -13.32 7.25
CA PHE B 27 -0.84 -12.19 7.49
C PHE B 27 -2.16 -12.63 8.10
N THR B 28 -2.53 -13.88 7.86
CA THR B 28 -3.73 -14.46 8.48
C THR B 28 -3.57 -14.47 10.00
N ARG B 29 -2.45 -15.00 10.49
CA ARG B 29 -2.22 -15.02 11.95
C ARG B 29 -1.96 -13.63 12.51
N ALA B 30 -1.23 -12.80 11.76
CA ALA B 30 -1.02 -11.41 12.18
C ALA B 30 -2.36 -10.68 12.35
N LEU B 31 -3.30 -10.93 11.44
CA LEU B 31 -4.62 -10.28 11.49
C LEU B 31 -5.41 -10.69 12.74
N LYS B 32 -5.40 -11.99 13.05
CA LYS B 32 -6.06 -12.48 14.26
C LYS B 32 -5.49 -11.79 15.52
N THR B 33 -4.16 -11.65 15.56
CA THR B 33 -3.49 -10.99 16.68
C THR B 33 -3.79 -9.49 16.74
N VAL B 34 -3.75 -8.82 15.58
CA VAL B 34 -4.05 -7.39 15.48
C VAL B 34 -5.47 -7.10 15.96
N ASN B 35 -6.40 -8.00 15.61
CA ASN B 35 -7.80 -7.85 16.05
C ASN B 35 -7.94 -7.94 17.57
N LYS B 36 -7.11 -8.77 18.20
CA LYS B 36 -7.06 -8.83 19.68
C LYS B 36 -6.58 -7.51 20.28
N ILE B 37 -5.56 -6.91 19.64
CA ILE B 37 -5.06 -5.60 20.08
C ILE B 37 -6.13 -4.52 19.94
N LEU B 38 -6.89 -4.59 18.85
CA LEU B 38 -7.95 -3.61 18.58
C LEU B 38 -9.13 -3.74 19.54
N GLN B 39 -9.33 -4.93 20.10
CA GLN B 39 -10.36 -5.13 21.13
C GLN B 39 -9.98 -4.39 22.41
N ILE B 40 -8.68 -4.27 22.65
CA ILE B 40 -8.14 -3.58 23.84
C ILE B 40 -7.97 -2.08 23.60
N ASN B 41 -7.39 -1.72 22.45
CA ASN B 41 -7.18 -0.33 22.08
C ASN B 41 -7.86 -0.05 20.73
N LYS B 42 -9.15 0.31 20.78
CA LYS B 42 -10.00 0.31 19.57
C LYS B 42 -9.60 1.24 18.43
N ASP B 43 -8.91 2.34 18.75
CA ASP B 43 -8.52 3.31 17.74
C ASP B 43 -7.00 3.45 17.62
N ASP B 44 -6.29 2.37 17.93
CA ASP B 44 -4.83 2.35 17.80
C ASP B 44 -4.51 2.44 16.31
N VAL B 45 -3.83 3.52 15.93
CA VAL B 45 -3.56 3.84 14.52
C VAL B 45 -2.65 2.78 13.90
N THR B 46 -1.62 2.38 14.63
CA THR B 46 -0.67 1.38 14.14
C THR B 46 -1.35 0.04 13.92
N ALA B 47 -2.22 -0.35 14.85
CA ALA B 47 -3.00 -1.57 14.72
C ALA B 47 -3.97 -1.51 13.54
N LEU B 48 -4.65 -0.37 13.35
CA LEU B 48 -5.52 -0.21 12.20
C LEU B 48 -4.71 -0.33 10.91
N HIS B 49 -3.53 0.30 10.87
CA HIS B 49 -2.64 0.23 9.71
C HIS B 49 -2.24 -1.19 9.42
N CYS B 50 -1.78 -1.92 10.44
CA CYS B 50 -1.44 -3.34 10.27
C CYS B 50 -2.63 -4.17 9.80
N LYS B 51 -3.81 -3.94 10.36
CA LYS B 51 -5.01 -4.68 9.94
C LYS B 51 -5.26 -4.50 8.44
N VAL B 52 -5.19 -3.25 7.98
CA VAL B 52 -5.38 -2.93 6.57
C VAL B 52 -4.36 -3.69 5.70
N VAL B 53 -3.09 -3.66 6.11
CA VAL B 53 -2.04 -4.42 5.39
C VAL B 53 -2.37 -5.91 5.31
N CYS B 54 -2.77 -6.52 6.44
CA CYS B 54 -3.11 -7.95 6.44
C CYS B 54 -4.24 -8.24 5.46
N LEU B 55 -5.28 -7.41 5.49
CA LEU B 55 -6.45 -7.62 4.63
C LEU B 55 -6.05 -7.52 3.16
N ILE B 56 -5.24 -6.52 2.81
CA ILE B 56 -4.78 -6.36 1.42
C ILE B 56 -3.96 -7.59 1.00
N GLN B 57 -3.06 -8.01 1.88
CA GLN B 57 -2.22 -9.18 1.60
C GLN B 57 -3.03 -10.46 1.36
N ASN B 58 -4.19 -10.56 2.02
CA ASN B 58 -5.07 -11.71 1.84
C ASN B 58 -6.19 -11.48 0.81
N GLY B 59 -6.08 -10.38 0.07
CA GLY B 59 -7.01 -10.09 -1.03
C GLY B 59 -8.37 -9.56 -0.61
N SER B 60 -8.50 -9.10 0.64
CA SER B 60 -9.76 -8.55 1.14
C SER B 60 -9.78 -7.02 0.99
N PHE B 61 -9.87 -6.57 -0.26
CA PHE B 61 -9.73 -5.14 -0.56
C PHE B 61 -10.91 -4.32 -0.07
N LYS B 62 -12.13 -4.84 -0.23
CA LYS B 62 -13.34 -4.16 0.27
C LYS B 62 -13.27 -3.99 1.78
N GLU B 63 -12.93 -5.06 2.50
CA GLU B 63 -12.83 -5.02 3.95
C GLU B 63 -11.75 -4.05 4.41
N ALA B 64 -10.58 -4.07 3.76
CA ALA B 64 -9.51 -3.12 4.06
C ALA B 64 -9.96 -1.67 3.88
N LEU B 65 -10.62 -1.40 2.76
CA LEU B 65 -11.11 -0.06 2.46
C LEU B 65 -12.13 0.40 3.49
N ASN B 66 -12.97 -0.53 3.92
CA ASN B 66 -13.98 -0.28 4.95
C ASN B 66 -13.36 0.10 6.31
N VAL B 67 -12.27 -0.59 6.68
CA VAL B 67 -11.52 -0.20 7.88
C VAL B 67 -11.07 1.26 7.78
N ILE B 68 -10.52 1.66 6.63
CA ILE B 68 -10.00 3.01 6.45
C ILE B 68 -11.15 4.03 6.51
N ASN B 69 -12.22 3.74 5.79
CA ASN B 69 -13.32 4.70 5.61
C ASN B 69 -14.21 4.86 6.84
N THR B 70 -14.15 3.90 7.76
CA THR B 70 -14.88 3.98 9.03
C THR B 70 -14.02 4.51 10.17
N HIS B 71 -12.76 4.88 9.88
CA HIS B 71 -11.85 5.46 10.86
C HIS B 71 -11.18 6.71 10.37
N THR B 72 -11.89 7.47 9.54
CA THR B 72 -11.34 8.65 8.87
C THR B 72 -10.71 9.66 9.83
N LYS B 73 -11.43 10.02 10.89
CA LYS B 73 -10.95 11.02 11.85
C LYS B 73 -9.70 10.53 12.59
N VAL B 74 -9.75 9.31 13.11
CA VAL B 74 -8.62 8.67 13.80
C VAL B 74 -7.37 8.58 12.90
N LEU B 75 -7.59 8.34 11.61
CA LEU B 75 -6.50 8.19 10.67
C LEU B 75 -6.11 9.49 9.95
N ALA B 76 -6.54 10.64 10.47
CA ALA B 76 -6.20 11.94 9.87
C ALA B 76 -4.69 12.21 9.89
N ASN B 77 -4.13 12.47 8.71
CA ASN B 77 -2.68 12.71 8.50
C ASN B 77 -1.76 11.53 8.84
N ASN B 78 -2.40 10.38 9.06
N ASN B 78 -2.34 10.33 8.96
CA ASN B 78 -1.82 9.06 8.91
CA ASN B 78 -1.59 9.18 9.49
C ASN B 78 -2.93 8.38 8.11
C ASN B 78 -1.02 8.17 8.47
N SER B 79 -3.43 9.11 7.13
N SER B 79 -1.01 8.54 7.19
CA SER B 79 -4.67 8.78 6.44
CA SER B 79 -0.25 7.79 6.19
C SER B 79 -4.65 7.43 5.76
C SER B 79 -0.99 6.61 5.56
N LEU B 80 -3.49 6.80 5.73
N LEU B 80 -2.31 6.64 5.52
CA LEU B 80 -3.32 5.56 4.98
CA LEU B 80 -3.07 5.53 4.96
C LEU B 80 -3.69 5.78 3.53
C LEU B 80 -3.64 5.78 3.55
N SER B 81 -3.23 6.88 2.93
CA SER B 81 -3.64 7.22 1.57
C SER B 81 -3.15 6.19 0.57
N PHE B 82 -1.92 5.68 0.77
CA PHE B 82 -1.38 4.64 -0.12
C PHE B 82 -2.29 3.42 -0.12
N GLU B 83 -2.61 2.90 1.07
CA GLU B 83 -3.46 1.71 1.18
C GLU B 83 -4.87 1.95 0.66
N LYS B 84 -5.43 3.12 0.97
CA LYS B 84 -6.75 3.48 0.46
C LYS B 84 -6.77 3.48 -1.06
N ALA B 85 -5.81 4.20 -1.66
CA ALA B 85 -5.68 4.25 -3.12
C ALA B 85 -5.41 2.87 -3.71
N TYR B 86 -4.59 2.07 -3.02
CA TYR B 86 -4.31 0.72 -3.49
C TYR B 86 -5.58 -0.14 -3.58
N CYS B 87 -6.40 -0.08 -2.53
CA CYS B 87 -7.65 -0.83 -2.50
C CYS B 87 -8.60 -0.37 -3.61
N GLU B 88 -8.71 0.94 -3.79
CA GLU B 88 -9.58 1.50 -4.84
C GLU B 88 -9.10 1.02 -6.20
N TYR B 89 -7.80 1.07 -6.42
CA TYR B 89 -7.16 0.57 -7.63
C TYR B 89 -7.50 -0.90 -7.89
N ARG B 90 -7.37 -1.76 -6.87
CA ARG B 90 -7.67 -3.18 -7.02
C ARG B 90 -9.17 -3.46 -7.19
N LEU B 91 -10.00 -2.52 -6.74
CA LEU B 91 -11.45 -2.64 -6.91
C LEU B 91 -11.93 -1.98 -8.21
N ASN B 92 -10.96 -1.65 -9.07
CA ASN B 92 -11.20 -1.01 -10.38
C ASN B 92 -11.87 0.37 -10.28
N ARG B 93 -11.68 1.05 -9.15
CA ARG B 93 -12.15 2.42 -8.97
C ARG B 93 -10.96 3.36 -9.22
N ILE B 94 -10.58 3.47 -10.48
CA ILE B 94 -9.31 4.09 -10.86
C ILE B 94 -9.32 5.60 -10.64
N GLU B 95 -10.43 6.25 -10.97
CA GLU B 95 -10.58 7.68 -10.73
C GLU B 95 -10.49 8.02 -9.25
N ASN B 96 -11.18 7.24 -8.42
CA ASN B 96 -11.08 7.34 -6.96
C ASN B 96 -9.63 7.19 -6.49
N ALA B 97 -8.94 6.17 -7.01
CA ALA B 97 -7.54 5.94 -6.65
C ALA B 97 -6.68 7.15 -6.99
N LEU B 98 -6.89 7.72 -8.18
CA LEU B 98 -6.19 8.93 -8.58
C LEU B 98 -6.42 10.08 -7.60
N LYS B 99 -7.69 10.29 -7.24
CA LYS B 99 -8.08 11.38 -6.32
C LYS B 99 -7.42 11.20 -4.95
N THR B 100 -7.45 9.98 -4.45
CA THR B 100 -6.82 9.63 -3.17
C THR B 100 -5.32 9.94 -3.18
N ILE B 101 -4.63 9.53 -4.25
CA ILE B 101 -3.20 9.82 -4.40
C ILE B 101 -2.92 11.32 -4.41
N GLU B 102 -3.67 12.07 -5.24
CA GLU B 102 -3.44 13.50 -5.40
C GLU B 102 -3.69 14.31 -4.13
N SER B 103 -4.61 13.84 -3.29
CA SER B 103 -4.96 14.56 -2.07
C SER B 103 -4.23 14.06 -0.82
N ALA B 104 -3.24 13.18 -1.00
CA ALA B 104 -2.45 12.65 0.12
C ALA B 104 -1.68 13.76 0.84
N ASN B 105 -1.65 13.69 2.17
CA ASN B 105 -0.95 14.68 3.00
C ASN B 105 0.56 14.69 2.76
N GLN B 106 1.14 13.52 2.55
CA GLN B 106 2.57 13.37 2.34
C GLN B 106 2.82 12.43 1.16
N GLN B 107 3.63 12.88 0.21
CA GLN B 107 4.00 12.05 -0.94
C GLN B 107 5.17 11.15 -0.56
N THR B 108 5.16 9.93 -1.10
CA THR B 108 6.16 8.91 -0.79
C THR B 108 6.48 8.11 -2.04
N ASP B 109 7.56 7.32 -1.98
CA ASP B 109 7.94 6.42 -3.07
C ASP B 109 6.86 5.40 -3.41
N LYS B 110 6.20 4.82 -2.40
CA LYS B 110 5.15 3.84 -2.67
C LYS B 110 3.92 4.49 -3.34
N LEU B 111 3.60 5.72 -2.93
CA LEU B 111 2.53 6.48 -3.59
C LEU B 111 2.86 6.74 -5.06
N LYS B 112 4.11 7.14 -5.32
CA LYS B 112 4.58 7.37 -6.70
C LYS B 112 4.55 6.10 -7.54
N GLU B 113 4.91 4.97 -6.93
CA GLU B 113 4.84 3.67 -7.62
C GLU B 113 3.40 3.38 -8.05
N LEU B 114 2.46 3.54 -7.12
CA LEU B 114 1.06 3.30 -7.43
C LEU B 114 0.55 4.30 -8.47
N TYR B 115 0.98 5.55 -8.33
CA TYR B 115 0.61 6.62 -9.28
C TYR B 115 0.98 6.24 -10.71
N GLY B 116 2.19 5.71 -10.91
CA GLY B 116 2.58 5.19 -12.21
C GLY B 116 1.62 4.15 -12.75
N GLN B 117 1.18 3.24 -11.88
CA GLN B 117 0.26 2.19 -12.28
C GLN B 117 -1.13 2.73 -12.60
N VAL B 118 -1.58 3.69 -11.79
CA VAL B 118 -2.87 4.36 -12.00
C VAL B 118 -2.87 5.10 -13.35
N LEU B 119 -1.79 5.83 -13.64
CA LEU B 119 -1.69 6.55 -14.92
C LEU B 119 -1.71 5.59 -16.10
N TYR B 120 -1.04 4.44 -15.96
CA TYR B 120 -1.08 3.41 -16.99
C TYR B 120 -2.51 2.94 -17.27
N ARG B 121 -3.27 2.66 -16.21
CA ARG B 121 -4.66 2.24 -16.33
C ARG B 121 -5.55 3.32 -16.95
N LEU B 122 -5.22 4.58 -16.65
CA LEU B 122 -5.96 5.73 -17.22
C LEU B 122 -5.51 6.09 -18.63
N GLU B 123 -4.52 5.37 -19.15
CA GLU B 123 -3.95 5.56 -20.49
C GLU B 123 -3.30 6.94 -20.66
N ARG B 124 -2.84 7.49 -19.54
CA ARG B 124 -2.06 8.72 -19.53
C ARG B 124 -0.57 8.38 -19.65
N TYR B 125 -0.21 7.88 -20.82
CA TYR B 125 1.08 7.23 -21.03
C TYR B 125 2.29 8.17 -20.96
N ASP B 126 2.12 9.41 -21.41
CA ASP B 126 3.22 10.35 -21.36
C ASP B 126 3.66 10.64 -19.93
N GLU B 127 2.71 10.97 -19.06
CA GLU B 127 3.04 11.25 -17.67
C GLU B 127 3.50 9.97 -16.98
N CYS B 128 2.87 8.85 -17.35
CA CYS B 128 3.28 7.53 -16.85
C CYS B 128 4.77 7.25 -17.08
N LEU B 129 5.23 7.45 -18.32
CA LEU B 129 6.65 7.28 -18.67
C LEU B 129 7.56 8.15 -17.83
N ALA B 130 7.14 9.39 -17.58
CA ALA B 130 7.93 10.33 -16.78
C ALA B 130 8.07 9.81 -15.34
N VAL B 131 6.96 9.32 -14.80
CA VAL B 131 6.93 8.74 -13.45
C VAL B 131 7.88 7.54 -13.38
N TYR B 132 7.79 6.62 -14.34
CA TYR B 132 8.67 5.44 -14.35
C TYR B 132 10.15 5.74 -14.57
N ARG B 133 10.47 6.71 -15.42
CA ARG B 133 11.87 7.12 -15.60
C ARG B 133 12.44 7.64 -14.29
N ASP B 134 11.63 8.43 -13.58
CA ASP B 134 11.97 8.98 -12.26
C ASP B 134 12.19 7.86 -11.23
N LEU B 135 11.24 6.92 -11.16
CA LEU B 135 11.35 5.77 -10.25
C LEU B 135 12.61 4.93 -10.50
N VAL B 136 12.92 4.66 -11.77
CA VAL B 136 14.14 3.93 -12.12
C VAL B 136 15.40 4.71 -11.70
N ARG B 137 15.42 6.02 -11.97
CA ARG B 137 16.56 6.88 -11.60
C ARG B 137 16.87 6.94 -10.10
N ASN B 138 15.83 6.92 -9.28
CA ASN B 138 15.97 7.16 -7.84
C ASN B 138 15.71 5.95 -6.94
N SER B 139 15.63 4.76 -7.55
CA SER B 139 15.27 3.55 -6.81
C SER B 139 16.36 3.08 -5.85
N GLN B 140 15.95 2.37 -4.80
CA GLN B 140 16.87 1.76 -3.85
C GLN B 140 16.45 0.33 -3.54
N ASP B 141 15.90 -0.35 -4.54
CA ASP B 141 15.41 -1.73 -4.36
C ASP B 141 15.85 -2.67 -5.49
N ASP B 142 15.29 -3.88 -5.50
CA ASP B 142 15.65 -4.91 -6.47
C ASP B 142 14.61 -5.05 -7.57
N TYR B 143 13.87 -3.97 -7.83
CA TYR B 143 12.77 -4.05 -8.79
C TYR B 143 12.99 -3.27 -10.08
N ASP B 144 14.22 -2.82 -10.34
CA ASP B 144 14.48 -1.99 -11.52
C ASP B 144 14.23 -2.70 -12.85
N GLU B 145 14.51 -4.00 -12.93
CA GLU B 145 14.23 -4.73 -14.17
C GLU B 145 12.73 -4.85 -14.42
N GLU B 146 11.96 -5.03 -13.35
CA GLU B 146 10.50 -5.03 -13.45
C GLU B 146 9.97 -3.66 -13.87
N ARG B 147 10.55 -2.60 -13.32
CA ARG B 147 10.19 -1.23 -13.72
C ARG B 147 10.53 -0.94 -15.17
N LYS B 148 11.65 -1.47 -15.64
CA LYS B 148 12.01 -1.30 -17.04
C LYS B 148 11.05 -2.03 -17.94
N THR B 149 10.57 -3.20 -17.49
CA THR B 149 9.56 -3.94 -18.21
C THR B 149 8.26 -3.12 -18.27
N ASN B 150 7.89 -2.49 -17.16
CA ASN B 150 6.72 -1.59 -17.14
C ASN B 150 6.88 -0.42 -18.12
N LEU B 151 8.06 0.22 -18.09
CA LEU B 151 8.41 1.26 -19.06
C LEU B 151 8.19 0.80 -20.49
N SER B 152 8.72 -0.39 -20.82
CA SER B 152 8.58 -0.94 -22.17
C SER B 152 7.12 -1.24 -22.52
N ALA B 153 6.35 -1.70 -21.54
CA ALA B 153 4.92 -1.97 -21.75
C ALA B 153 4.17 -0.67 -22.08
N VAL B 154 4.54 0.41 -21.41
CA VAL B 154 3.90 1.72 -21.65
C VAL B 154 4.18 2.18 -23.08
N VAL B 155 5.43 2.10 -23.52
CA VAL B 155 5.80 2.47 -24.89
C VAL B 155 5.09 1.59 -25.92
N ALA B 156 4.96 0.30 -25.63
CA ALA B 156 4.22 -0.62 -26.50
C ALA B 156 2.76 -0.17 -26.63
N ALA B 157 2.15 0.25 -25.52
CA ALA B 157 0.77 0.72 -25.54
C ALA B 157 0.62 2.00 -26.38
N GLN B 158 1.61 2.87 -26.31
CA GLN B 158 1.63 4.09 -27.15
C GLN B 158 1.78 3.80 -28.64
N SER B 159 2.60 2.80 -28.96
CA SER B 159 2.91 2.42 -30.35
CA SER B 159 2.90 2.45 -30.36
C SER B 159 1.67 1.98 -31.11
N ASN B 160 0.72 1.39 -30.38
CA ASN B 160 -0.57 0.99 -30.92
C ASN B 160 -1.28 2.14 -31.63
N TRP B 161 -1.03 3.37 -31.15
CA TRP B 161 -1.73 4.54 -31.64
C TRP B 161 -1.10 5.23 -32.81
N GLU B 162 0.18 4.93 -33.08
CA GLU B 162 0.86 5.47 -34.25
C GLU B 162 1.17 4.40 -35.29
C ACT C . -0.85 4.99 17.90
O ACT C . -0.51 4.17 17.03
OXT ACT C . -0.01 5.53 18.64
CH3 ACT C . -2.31 5.35 18.06
C1 GOL D . 4.72 -7.73 -7.54
O1 GOL D . 3.33 -8.06 -7.73
C2 GOL D . 5.62 -8.58 -8.43
O2 GOL D . 5.24 -8.45 -9.80
C3 GOL D . 7.08 -8.17 -8.25
O3 GOL D . 7.95 -9.23 -8.66
S SO4 E . -1.57 10.63 4.18
O1 SO4 E . -1.60 9.18 3.90
O2 SO4 E . -1.75 10.83 5.64
O3 SO4 E . -0.27 11.18 3.75
O4 SO4 E . -2.68 11.29 3.47
S SO4 F . -13.61 -8.68 0.93
O1 SO4 F . -13.27 -9.09 -0.45
O2 SO4 F . -13.28 -9.80 1.85
O3 SO4 F . -12.85 -7.49 1.31
O4 SO4 F . -15.06 -8.39 1.00
NA NA G . 4.97 -0.01 -10.68
C ACT H . 2.86 -10.44 -2.62
O ACT H . 1.75 -10.51 -2.04
OXT ACT H . 3.91 -10.16 -2.01
CH3 ACT H . 2.96 -10.70 -4.10
C1 GOL I . 3.12 12.38 -6.91
O1 GOL I . 3.27 10.96 -7.13
C2 GOL I . 1.85 12.85 -7.62
O2 GOL I . 0.70 12.32 -6.95
C3 GOL I . 1.77 14.36 -7.62
O3 GOL I . 0.42 14.75 -7.92
C1 GOL J . 6.56 -6.27 8.32
O1 GOL J . 6.22 -7.58 8.77
C2 GOL J . 6.69 -6.26 6.80
O2 GOL J . 7.95 -6.84 6.43
C3 GOL J . 5.54 -7.07 6.22
O3 GOL J . 4.34 -6.35 6.47
C1 GOL K . -6.70 -7.31 -11.45
O1 GOL K . -6.58 -8.74 -11.38
C2 GOL K . -5.75 -6.72 -12.48
O2 GOL K . -5.13 -7.78 -13.23
C3 GOL K . -4.64 -5.91 -11.82
O3 GOL K . -5.15 -4.77 -11.12
C1 GOL L . 10.32 -9.66 18.46
O1 GOL L . 9.38 -9.28 19.44
C2 GOL L . 9.75 -10.81 17.63
O2 GOL L . 8.63 -10.33 16.89
C3 GOL L . 10.84 -11.31 16.69
O3 GOL L . 10.28 -12.37 15.89
#